data_5SUV
#
_entry.id   5SUV
#
_cell.length_a   47.507
_cell.length_b   92.686
_cell.length_c   92.902
_cell.angle_alpha   90.00
_cell.angle_beta   90.00
_cell.angle_gamma   90.00
#
_symmetry.space_group_name_H-M   'P 21 21 21'
#
loop_
_entity.id
_entity.type
_entity.pdbx_description
1 polymer 'Holo-[acyl-carrier-protein] synthase'
2 non-polymer 'COENZYME A'
3 water water
#
_entity_poly.entity_id   1
_entity_poly.type   'polypeptide(L)'
_entity_poly.pdbx_seq_one_letter_code
;AMIYGIGTDIVSLKRIIRLNKKFGQAFAGRILTPEELLEFPQAGKPVNYLAKRFAAKEAFAKAVGTGIRGAVSFRNIGIG
HDALGKPEFFYGPALSKWLEEQGISRVSLSMSDEEDTVLAFVVAEK
;
_entity_poly.pdbx_strand_id   A,B,C
#
loop_
_chem_comp.id
_chem_comp.type
_chem_comp.name
_chem_comp.formula
COA non-polymer 'COENZYME A' 'C21 H36 N7 O16 P3 S'
#
# COMPACT_ATOMS: atom_id res chain seq x y z
N ALA A 1 -13.76 -0.88 -17.62
CA ALA A 1 -12.78 -1.65 -16.79
C ALA A 1 -12.97 -1.30 -15.31
N MET A 2 -12.68 -2.26 -14.43
CA MET A 2 -12.89 -2.07 -13.00
C MET A 2 -11.84 -2.86 -12.23
N ILE A 3 -11.83 -2.68 -10.93
CA ILE A 3 -10.92 -3.42 -10.09
C ILE A 3 -11.56 -4.75 -9.71
N TYR A 4 -10.81 -5.84 -9.91
CA TYR A 4 -11.21 -7.16 -9.41
C TYR A 4 -10.90 -7.31 -7.93
N GLY A 5 -9.73 -6.85 -7.52
CA GLY A 5 -9.37 -6.86 -6.11
C GLY A 5 -8.03 -6.19 -5.94
N ILE A 6 -7.70 -5.92 -4.68
CA ILE A 6 -6.44 -5.31 -4.31
C ILE A 6 -5.83 -6.15 -3.20
N GLY A 7 -4.51 -6.07 -3.08
CA GLY A 7 -3.80 -6.86 -2.09
C GLY A 7 -2.59 -6.14 -1.59
N THR A 8 -2.27 -6.39 -0.32
CA THR A 8 -1.06 -5.86 0.27
C THR A 8 -0.44 -6.91 1.17
N ASP A 9 0.86 -6.77 1.39
CA ASP A 9 1.56 -7.67 2.30
C ASP A 9 2.78 -6.94 2.84
N ILE A 10 3.02 -7.11 4.14
CA ILE A 10 4.28 -6.68 4.74
C ILE A 10 4.98 -7.92 5.29
N VAL A 11 6.28 -7.99 5.04
CA VAL A 11 7.08 -9.16 5.36
C VAL A 11 8.36 -8.68 6.02
N SER A 12 8.70 -9.29 7.15
CA SER A 12 9.92 -8.99 7.88
C SER A 12 11.05 -9.88 7.38
N LEU A 13 12.18 -9.27 7.03
CA LEU A 13 13.35 -10.08 6.69
C LEU A 13 13.69 -11.06 7.80
N LYS A 14 13.56 -10.63 9.06
CA LYS A 14 13.86 -11.52 10.17
C LYS A 14 12.95 -12.74 10.16
N ARG A 15 11.69 -12.56 9.77
CA ARG A 15 10.78 -13.68 9.66
C ARG A 15 11.25 -14.65 8.58
N ILE A 16 11.73 -14.12 7.46
CA ILE A 16 12.26 -14.99 6.41
C ILE A 16 13.44 -15.78 6.94
N ILE A 17 14.36 -15.11 7.65
CA ILE A 17 15.51 -15.80 8.24
C ILE A 17 15.04 -16.93 9.13
N ARG A 18 14.06 -16.68 10.00
CA ARG A 18 13.54 -17.74 10.85
C ARG A 18 13.02 -18.89 10.00
N LEU A 19 12.24 -18.58 8.97
CA LEU A 19 11.66 -19.62 8.13
C LEU A 19 12.75 -20.42 7.41
N ASN A 20 13.79 -19.74 6.91
CA ASN A 20 14.92 -20.47 6.34
C ASN A 20 15.59 -21.35 7.39
N LYS A 21 15.72 -20.85 8.62
CA LYS A 21 16.45 -21.57 9.64
C LYS A 21 15.72 -22.84 10.04
N LYS A 22 14.40 -22.78 10.19
CA LYS A 22 13.65 -23.95 10.63
C LYS A 22 13.55 -24.99 9.51
N PHE A 23 13.21 -24.55 8.30
CA PHE A 23 12.95 -25.46 7.20
C PHE A 23 14.13 -25.58 6.24
N GLY A 24 15.18 -24.79 6.41
CA GLY A 24 16.28 -24.86 5.47
C GLY A 24 15.82 -24.47 4.07
N GLN A 25 16.40 -25.13 3.07
CA GLN A 25 16.10 -24.79 1.69
C GLN A 25 14.68 -25.19 1.28
N ALA A 26 13.98 -25.98 2.11
CA ALA A 26 12.62 -26.39 1.78
C ALA A 26 11.66 -25.21 1.79
N PHE A 27 11.97 -24.14 2.54
CA PHE A 27 11.14 -22.96 2.48
C PHE A 27 11.16 -22.35 1.08
N ALA A 28 12.35 -22.04 0.58
CA ALA A 28 12.46 -21.49 -0.77
C ALA A 28 11.84 -22.44 -1.79
N GLY A 29 11.99 -23.75 -1.57
CA GLY A 29 11.39 -24.71 -2.48
C GLY A 29 9.89 -24.71 -2.43
N ARG A 30 9.30 -24.22 -1.35
CA ARG A 30 7.86 -24.16 -1.22
C ARG A 30 7.28 -22.87 -1.80
N ILE A 31 8.05 -21.76 -1.75
CA ILE A 31 7.54 -20.43 -2.07
C ILE A 31 7.85 -20.04 -3.51
N LEU A 32 8.99 -20.48 -4.03
CA LEU A 32 9.42 -20.06 -5.36
C LEU A 32 8.86 -20.99 -6.42
N THR A 33 8.61 -20.43 -7.61
CA THR A 33 8.24 -21.27 -8.75
C THR A 33 9.47 -22.02 -9.25
N PRO A 34 9.28 -23.13 -9.99
CA PRO A 34 10.43 -23.82 -10.58
C PRO A 34 11.37 -22.89 -11.32
N GLU A 35 10.84 -21.86 -11.99
CA GLU A 35 11.69 -20.91 -12.71
C GLU A 35 12.52 -20.09 -11.75
N GLU A 36 11.88 -19.49 -10.75
CA GLU A 36 12.60 -18.70 -9.77
C GLU A 36 13.61 -19.56 -9.01
N LEU A 37 13.25 -20.83 -8.76
CA LEU A 37 14.10 -21.69 -7.95
C LEU A 37 15.42 -21.97 -8.64
N LEU A 38 15.44 -21.93 -9.97
CA LEU A 38 16.68 -22.19 -10.71
C LEU A 38 17.62 -21.00 -10.66
N GLU A 39 17.09 -19.77 -10.61
CA GLU A 39 17.92 -18.58 -10.56
C GLU A 39 18.18 -18.09 -9.13
N PHE A 40 17.53 -18.68 -8.14
CA PHE A 40 17.75 -18.27 -6.75
C PHE A 40 19.22 -18.38 -6.34
N PRO A 41 19.95 -19.44 -6.68
CA PRO A 41 21.36 -19.49 -6.29
C PRO A 41 22.18 -18.30 -6.76
N GLN A 42 21.69 -17.53 -7.73
CA GLN A 42 22.41 -16.37 -8.23
C GLN A 42 21.92 -15.05 -7.63
N ALA A 43 20.93 -15.08 -6.75
CA ALA A 43 20.44 -13.85 -6.16
C ALA A 43 21.52 -13.23 -5.28
N GLY A 44 21.76 -11.93 -5.47
CA GLY A 44 22.75 -11.24 -4.68
C GLY A 44 22.35 -11.03 -3.23
N LYS A 45 21.05 -11.12 -2.94
CA LYS A 45 20.53 -10.95 -1.58
C LYS A 45 19.45 -11.98 -1.34
N PRO A 46 19.82 -13.25 -1.08
CA PRO A 46 18.81 -14.31 -1.06
C PRO A 46 17.69 -14.10 -0.05
N VAL A 47 17.98 -13.47 1.09
CA VAL A 47 16.91 -13.22 2.05
C VAL A 47 15.96 -12.15 1.51
N ASN A 48 16.50 -11.06 0.98
CA ASN A 48 15.69 -10.02 0.36
C ASN A 48 14.95 -10.56 -0.86
N TYR A 49 15.57 -11.47 -1.59
CA TYR A 49 14.92 -12.10 -2.74
C TYR A 49 13.70 -12.89 -2.31
N LEU A 50 13.87 -13.81 -1.35
CA LEU A 50 12.73 -14.58 -0.86
C LEU A 50 11.66 -13.68 -0.26
N ALA A 51 12.08 -12.65 0.49
CA ALA A 51 11.10 -11.77 1.13
C ALA A 51 10.21 -11.08 0.10
N LYS A 52 10.82 -10.54 -0.96
CA LYS A 52 10.05 -9.84 -1.99
C LYS A 52 9.09 -10.79 -2.70
N ARG A 53 9.56 -11.98 -3.04
CA ARG A 53 8.69 -12.96 -3.69
C ARG A 53 7.55 -13.36 -2.76
N PHE A 54 7.86 -13.62 -1.50
CA PHE A 54 6.82 -14.01 -0.54
C PHE A 54 5.77 -12.91 -0.41
N ALA A 55 6.21 -11.66 -0.25
CA ALA A 55 5.24 -10.58 -0.13
C ALA A 55 4.42 -10.41 -1.39
N ALA A 56 5.07 -10.47 -2.56
CA ALA A 56 4.37 -10.26 -3.81
C ALA A 56 3.36 -11.37 -4.07
N LYS A 57 3.73 -12.61 -3.77
CA LYS A 57 2.79 -13.71 -3.97
C LYS A 57 1.62 -13.61 -3.00
N GLU A 58 1.89 -13.25 -1.75
CA GLU A 58 0.79 -13.12 -0.81
C GLU A 58 -0.14 -11.98 -1.21
N ALA A 59 0.42 -10.84 -1.65
CA ALA A 59 -0.44 -9.74 -2.06
C ALA A 59 -1.22 -10.12 -3.30
N PHE A 60 -0.59 -10.86 -4.22
CA PHE A 60 -1.33 -11.35 -5.39
C PHE A 60 -2.52 -12.18 -4.95
N ALA A 61 -2.30 -13.15 -4.07
CA ALA A 61 -3.37 -14.07 -3.68
C ALA A 61 -4.51 -13.33 -3.00
N LYS A 62 -4.21 -12.23 -2.32
CA LYS A 62 -5.26 -11.39 -1.75
C LYS A 62 -5.97 -10.60 -2.83
N ALA A 63 -5.22 -10.06 -3.79
CA ALA A 63 -5.83 -9.23 -4.82
C ALA A 63 -6.80 -10.00 -5.70
N VAL A 64 -6.63 -11.31 -5.83
CA VAL A 64 -7.58 -12.10 -6.59
C VAL A 64 -8.60 -12.76 -5.68
N GLY A 65 -8.61 -12.41 -4.40
CA GLY A 65 -9.74 -12.72 -3.55
C GLY A 65 -9.77 -14.11 -2.96
N THR A 66 -8.72 -14.90 -3.14
CA THR A 66 -8.74 -16.30 -2.76
C THR A 66 -7.79 -16.67 -1.63
N GLY A 67 -6.73 -15.90 -1.43
CA GLY A 67 -5.63 -16.35 -0.64
C GLY A 67 -4.95 -17.47 -1.44
N ILE A 68 -3.99 -18.12 -0.79
CA ILE A 68 -3.30 -19.23 -1.43
C ILE A 68 -4.27 -20.41 -1.47
N ARG A 69 -4.69 -20.77 -2.67
CA ARG A 69 -5.81 -21.69 -2.84
C ARG A 69 -5.78 -22.20 -4.26
N GLY A 70 -5.91 -23.49 -4.45
CA GLY A 70 -6.01 -24.02 -5.80
C GLY A 70 -4.85 -23.59 -6.66
N ALA A 71 -5.16 -23.09 -7.86
CA ALA A 71 -4.10 -22.69 -8.78
C ALA A 71 -3.44 -21.40 -8.36
N VAL A 72 -4.06 -20.65 -7.46
CA VAL A 72 -3.44 -19.44 -6.92
C VAL A 72 -2.46 -19.91 -5.85
N SER A 73 -1.29 -20.35 -6.28
CA SER A 73 -0.29 -20.95 -5.42
C SER A 73 1.05 -20.25 -5.56
N PHE A 74 1.90 -20.43 -4.56
CA PHE A 74 3.25 -19.87 -4.64
C PHE A 74 3.96 -20.37 -5.88
N ARG A 75 3.76 -21.63 -6.24
CA ARG A 75 4.50 -22.21 -7.36
C ARG A 75 3.96 -21.79 -8.72
N ASN A 76 2.81 -21.10 -8.76
CA ASN A 76 2.23 -20.59 -9.99
C ASN A 76 2.36 -19.08 -10.13
N ILE A 77 2.77 -18.36 -9.09
CA ILE A 77 2.85 -16.90 -9.11
C ILE A 77 4.33 -16.54 -9.16
N GLY A 78 4.80 -16.11 -10.33
CA GLY A 78 6.19 -15.75 -10.53
C GLY A 78 6.38 -14.26 -10.65
N ILE A 79 7.56 -13.77 -10.26
CA ILE A 79 7.91 -12.37 -10.39
C ILE A 79 9.07 -12.25 -11.37
N GLY A 80 8.89 -11.42 -12.39
CA GLY A 80 9.96 -10.99 -13.27
C GLY A 80 10.09 -9.48 -13.29
N HIS A 81 10.89 -8.93 -14.20
CA HIS A 81 11.04 -7.49 -14.30
C HIS A 81 11.17 -7.12 -15.78
N ASP A 82 10.63 -5.95 -16.14
CA ASP A 82 10.74 -5.48 -17.52
C ASP A 82 12.10 -4.79 -17.72
N ALA A 83 12.30 -4.21 -18.91
CA ALA A 83 13.60 -3.67 -19.27
C ALA A 83 14.07 -2.61 -18.28
N LEU A 84 13.15 -1.82 -17.74
CA LEU A 84 13.50 -0.72 -16.85
C LEU A 84 13.55 -1.13 -15.37
N GLY A 85 13.31 -2.39 -15.06
CA GLY A 85 13.32 -2.86 -13.69
C GLY A 85 11.96 -2.92 -13.02
N LYS A 86 10.89 -2.53 -13.71
CA LYS A 86 9.56 -2.59 -13.10
C LYS A 86 9.19 -4.05 -12.84
N PRO A 87 8.79 -4.40 -11.62
CA PRO A 87 8.40 -5.79 -11.34
C PRO A 87 7.07 -6.10 -12.00
N GLU A 88 6.91 -7.38 -12.38
CA GLU A 88 5.68 -7.84 -13.02
C GLU A 88 5.53 -9.34 -12.80
N PHE A 89 4.30 -9.81 -12.89
CA PHE A 89 3.97 -11.21 -12.64
C PHE A 89 4.06 -12.04 -13.91
N PHE A 90 4.49 -13.29 -13.77
CA PHE A 90 4.29 -14.32 -14.78
C PHE A 90 3.64 -15.52 -14.08
N TYR A 91 2.95 -16.35 -14.85
CA TYR A 91 2.04 -17.32 -14.28
C TYR A 91 2.32 -18.71 -14.80
N GLY A 92 2.14 -19.69 -13.91
CA GLY A 92 2.06 -21.07 -14.31
C GLY A 92 0.78 -21.27 -15.11
N PRO A 93 0.78 -22.25 -16.01
CA PRO A 93 -0.33 -22.33 -16.98
C PRO A 93 -1.70 -22.46 -16.34
N ALA A 94 -1.81 -23.17 -15.22
CA ALA A 94 -3.13 -23.33 -14.62
C ALA A 94 -3.64 -22.00 -14.10
N LEU A 95 -2.75 -21.17 -13.58
CA LEU A 95 -3.15 -19.84 -13.10
C LEU A 95 -3.51 -18.91 -14.26
N SER A 96 -2.71 -18.90 -15.32
CA SER A 96 -3.08 -18.14 -16.51
C SER A 96 -4.51 -18.48 -16.94
N LYS A 97 -4.84 -19.76 -16.97
CA LYS A 97 -6.18 -20.19 -17.37
C LYS A 97 -7.23 -19.68 -16.40
N TRP A 98 -6.98 -19.80 -15.09
CA TRP A 98 -7.95 -19.32 -14.11
C TRP A 98 -8.16 -17.82 -14.24
N LEU A 99 -7.07 -17.05 -14.38
CA LEU A 99 -7.21 -15.61 -14.52
C LEU A 99 -8.10 -15.28 -15.72
N GLU A 100 -7.90 -15.99 -16.83
CA GLU A 100 -8.70 -15.77 -18.03
C GLU A 100 -10.17 -16.11 -17.78
N GLU A 101 -10.43 -17.24 -17.12
CA GLU A 101 -11.81 -17.60 -16.77
C GLU A 101 -12.46 -16.52 -15.91
N GLN A 102 -11.69 -15.94 -15.00
CA GLN A 102 -12.24 -14.93 -14.10
C GLN A 102 -12.39 -13.57 -14.76
N GLY A 103 -11.85 -13.38 -15.94
CA GLY A 103 -11.88 -12.09 -16.60
C GLY A 103 -10.83 -11.11 -16.12
N ILE A 104 -9.84 -11.58 -15.38
CA ILE A 104 -8.78 -10.70 -14.88
C ILE A 104 -7.80 -10.43 -16.01
N SER A 105 -7.66 -9.16 -16.39
CA SER A 105 -6.89 -8.81 -17.58
C SER A 105 -5.46 -8.44 -17.25
N ARG A 106 -5.24 -7.81 -16.10
CA ARG A 106 -3.91 -7.32 -15.77
C ARG A 106 -3.79 -7.29 -14.26
N VAL A 107 -2.65 -7.74 -13.75
CA VAL A 107 -2.36 -7.61 -12.32
C VAL A 107 -1.07 -6.81 -12.20
N SER A 108 -1.16 -5.66 -11.53
CA SER A 108 -0.05 -4.75 -11.34
C SER A 108 0.60 -4.96 -9.98
N LEU A 109 1.91 -4.74 -9.92
CA LEU A 109 2.71 -5.01 -8.75
C LEU A 109 3.65 -3.85 -8.48
N SER A 110 3.76 -3.46 -7.22
CA SER A 110 4.85 -2.61 -6.78
C SER A 110 5.45 -3.16 -5.50
N MET A 111 6.75 -2.97 -5.34
CA MET A 111 7.40 -3.39 -4.12
C MET A 111 8.32 -2.31 -3.61
N SER A 112 8.54 -2.32 -2.31
CA SER A 112 9.50 -1.43 -1.68
C SER A 112 10.05 -2.12 -0.43
N ASP A 113 11.23 -1.67 -0.01
CA ASP A 113 11.77 -2.21 1.23
C ASP A 113 12.57 -1.10 1.92
N GLU A 114 12.58 -1.17 3.25
CA GLU A 114 13.33 -0.24 4.08
C GLU A 114 13.65 -0.94 5.38
N GLU A 115 14.94 -1.06 5.67
CA GLU A 115 15.44 -1.76 6.87
C GLU A 115 14.88 -3.18 6.82
N ASP A 116 14.12 -3.61 7.82
CA ASP A 116 13.65 -4.97 7.94
C ASP A 116 12.33 -5.22 7.22
N THR A 117 11.68 -4.19 6.70
CA THR A 117 10.31 -4.29 6.20
C THR A 117 10.33 -4.38 4.68
N VAL A 118 9.71 -5.42 4.15
CA VAL A 118 9.44 -5.52 2.72
C VAL A 118 7.94 -5.36 2.52
N LEU A 119 7.57 -4.58 1.53
CA LEU A 119 6.19 -4.23 1.27
C LEU A 119 5.82 -4.53 -0.17
N ALA A 120 4.62 -5.09 -0.38
CA ALA A 120 4.08 -5.33 -1.70
C ALA A 120 2.65 -4.81 -1.79
N PHE A 121 2.33 -4.19 -2.93
CA PHE A 121 0.98 -3.78 -3.27
C PHE A 121 0.63 -4.36 -4.64
N VAL A 122 -0.59 -4.85 -4.78
CA VAL A 122 -1.05 -5.47 -6.01
C VAL A 122 -2.48 -5.01 -6.31
N VAL A 123 -2.74 -4.71 -7.57
CA VAL A 123 -4.09 -4.43 -8.04
C VAL A 123 -4.40 -5.34 -9.23
N ALA A 124 -5.49 -6.09 -9.11
CA ALA A 124 -5.99 -6.91 -10.20
C ALA A 124 -7.17 -6.20 -10.85
N GLU A 125 -7.13 -6.08 -12.17
CA GLU A 125 -8.16 -5.36 -12.94
C GLU A 125 -9.02 -6.32 -13.74
N LYS A 126 -10.27 -5.91 -13.91
CA LYS A 126 -11.33 -6.56 -14.69
C LYS A 126 -11.79 -7.87 -14.08
N ALA B 1 -11.11 9.21 -13.65
CA ALA B 1 -12.50 8.80 -13.95
C ALA B 1 -12.81 7.42 -13.38
N MET B 2 -11.79 6.58 -13.27
CA MET B 2 -11.95 5.23 -12.72
C MET B 2 -11.80 5.24 -11.20
N ILE B 3 -10.69 5.74 -10.71
CA ILE B 3 -10.42 5.72 -9.29
C ILE B 3 -10.91 7.03 -8.68
N TYR B 4 -11.71 6.92 -7.62
CA TYR B 4 -12.15 8.09 -6.89
C TYR B 4 -11.05 8.57 -5.95
N GLY B 5 -10.41 7.64 -5.27
CA GLY B 5 -9.31 7.98 -4.38
C GLY B 5 -8.68 6.72 -3.84
N ILE B 6 -7.48 6.88 -3.28
CA ILE B 6 -6.78 5.76 -2.69
C ILE B 6 -6.39 6.16 -1.28
N GLY B 7 -6.20 5.15 -0.45
CA GLY B 7 -5.88 5.35 0.95
C GLY B 7 -4.99 4.25 1.45
N THR B 8 -4.04 4.62 2.30
CA THR B 8 -3.22 3.65 2.99
C THR B 8 -3.07 4.14 4.43
N ASP B 9 -2.83 3.19 5.33
CA ASP B 9 -2.60 3.53 6.72
C ASP B 9 -1.70 2.47 7.35
N ILE B 10 -0.76 2.92 8.16
CA ILE B 10 0.12 2.03 8.88
C ILE B 10 -0.08 2.33 10.36
N VAL B 11 -0.31 1.28 11.15
CA VAL B 11 -0.71 1.40 12.55
C VAL B 11 0.15 0.46 13.36
N SER B 12 0.83 1.00 14.36
CA SER B 12 1.60 0.21 15.30
C SER B 12 0.68 -0.40 16.35
N LEU B 13 0.88 -1.69 16.67
CA LEU B 13 0.17 -2.25 17.80
C LEU B 13 0.42 -1.43 19.06
N LYS B 14 1.66 -0.96 19.26
CA LYS B 14 1.97 -0.16 20.43
C LYS B 14 1.06 1.05 20.53
N ARG B 15 0.82 1.70 19.41
CA ARG B 15 -0.08 2.87 19.42
C ARG B 15 -1.48 2.50 19.92
N ILE B 16 -2.02 1.39 19.40
CA ILE B 16 -3.34 0.90 19.83
C ILE B 16 -3.34 0.55 21.32
N ILE B 17 -2.27 -0.12 21.79
CA ILE B 17 -2.20 -0.47 23.20
C ILE B 17 -2.25 0.78 24.06
N ARG B 18 -1.52 1.82 23.68
CA ARG B 18 -1.53 3.05 24.46
C ARG B 18 -2.90 3.73 24.43
N LEU B 19 -3.54 3.76 23.27
CA LEU B 19 -4.88 4.34 23.19
C LEU B 19 -5.86 3.56 24.05
N ASN B 20 -5.81 2.23 23.96
CA ASN B 20 -6.71 1.40 24.76
C ASN B 20 -6.46 1.59 26.25
N LYS B 21 -5.20 1.82 26.65
CA LYS B 21 -4.94 2.07 28.07
C LYS B 21 -5.49 3.42 28.47
N LYS B 22 -5.37 4.41 27.59
CA LYS B 22 -5.73 5.78 27.92
C LYS B 22 -7.24 5.92 28.05
N PHE B 23 -8.00 5.35 27.12
CA PHE B 23 -9.44 5.48 27.10
C PHE B 23 -10.14 4.33 27.79
N GLY B 24 -9.39 3.33 28.28
CA GLY B 24 -9.98 2.26 29.06
C GLY B 24 -10.85 1.34 28.22
N GLN B 25 -11.69 0.59 28.93
CA GLN B 25 -12.49 -0.43 28.26
C GLN B 25 -13.35 0.17 27.15
N ALA B 26 -13.70 1.45 27.26
CA ALA B 26 -14.58 2.10 26.29
C ALA B 26 -13.93 2.30 24.93
N PHE B 27 -12.63 2.10 24.81
CA PHE B 27 -11.94 2.45 23.57
C PHE B 27 -12.44 1.62 22.41
N ALA B 28 -12.51 0.30 22.60
CA ALA B 28 -12.98 -0.55 21.51
C ALA B 28 -14.33 -0.07 21.01
N GLY B 29 -15.22 0.30 21.93
CA GLY B 29 -16.54 0.77 21.55
C GLY B 29 -16.54 2.07 20.76
N ARG B 30 -15.47 2.87 20.86
CA ARG B 30 -15.39 4.11 20.08
C ARG B 30 -14.86 3.90 18.66
N ILE B 31 -14.10 2.84 18.41
CA ILE B 31 -13.49 2.60 17.11
C ILE B 31 -14.28 1.57 16.32
N LEU B 32 -14.97 0.67 17.01
CA LEU B 32 -15.64 -0.45 16.35
C LEU B 32 -17.12 -0.19 16.11
N THR B 33 -17.63 -0.70 14.99
CA THR B 33 -19.07 -0.70 14.77
C THR B 33 -19.74 -1.67 15.74
N PRO B 34 -21.08 -1.57 15.89
CA PRO B 34 -21.73 -2.54 16.77
C PRO B 34 -21.49 -3.98 16.36
N GLU B 35 -21.48 -4.27 15.06
CA GLU B 35 -21.22 -5.64 14.63
C GLU B 35 -19.80 -6.07 14.97
N GLU B 36 -18.81 -5.21 14.67
CA GLU B 36 -17.43 -5.52 15.04
C GLU B 36 -17.28 -5.72 16.53
N LEU B 37 -17.93 -4.86 17.32
CA LEU B 37 -17.81 -4.96 18.77
C LEU B 37 -18.42 -6.27 19.28
N LEU B 38 -19.53 -6.70 18.69
CA LEU B 38 -20.14 -7.96 19.07
C LEU B 38 -19.20 -9.14 18.80
N GLU B 39 -18.37 -9.08 17.77
N GLU B 39 -18.39 -9.04 17.73
CA GLU B 39 -17.48 -10.18 17.47
CA GLU B 39 -17.44 -10.04 17.26
C GLU B 39 -16.08 -9.99 18.02
C GLU B 39 -16.11 -10.00 18.04
N PHE B 40 -15.79 -8.84 18.62
CA PHE B 40 -14.49 -8.62 19.24
C PHE B 40 -14.13 -9.65 20.32
N PRO B 41 -15.04 -10.07 21.21
CA PRO B 41 -14.63 -11.04 22.21
C PRO B 41 -14.12 -12.35 21.63
N GLN B 42 -14.45 -12.67 20.38
CA GLN B 42 -14.01 -13.92 19.79
C GLN B 42 -12.72 -13.76 18.98
N ALA B 43 -12.13 -12.58 18.97
CA ALA B 43 -10.88 -12.37 18.25
C ALA B 43 -9.73 -13.11 18.92
N GLY B 44 -8.97 -13.86 18.13
CA GLY B 44 -7.80 -14.55 18.65
C GLY B 44 -6.72 -13.62 19.15
N LYS B 45 -6.60 -12.43 18.54
CA LYS B 45 -5.58 -11.44 18.89
C LYS B 45 -6.30 -10.10 18.97
N PRO B 46 -6.91 -9.79 20.11
CA PRO B 46 -7.74 -8.59 20.19
C PRO B 46 -7.03 -7.29 19.82
N VAL B 47 -5.77 -7.14 20.22
CA VAL B 47 -5.08 -5.89 19.89
C VAL B 47 -4.92 -5.77 18.38
N ASN B 48 -4.54 -6.88 17.74
N ASN B 48 -4.52 -6.86 17.73
CA ASN B 48 -4.41 -6.89 16.28
CA ASN B 48 -4.42 -6.85 16.27
C ASN B 48 -5.76 -6.65 15.60
C ASN B 48 -5.78 -6.59 15.62
N TYR B 49 -6.84 -7.18 16.16
CA TYR B 49 -8.17 -6.97 15.62
C TYR B 49 -8.55 -5.48 15.64
N LEU B 50 -8.27 -4.81 16.73
CA LEU B 50 -8.54 -3.38 16.80
C LEU B 50 -7.64 -2.61 15.84
N ALA B 51 -6.35 -2.95 15.83
CA ALA B 51 -5.40 -2.23 14.99
C ALA B 51 -5.76 -2.33 13.51
N LYS B 52 -6.13 -3.54 13.05
CA LYS B 52 -6.54 -3.70 11.66
C LYS B 52 -7.75 -2.83 11.33
N ARG B 53 -8.77 -2.87 12.19
CA ARG B 53 -9.97 -2.06 11.94
C ARG B 53 -9.63 -0.58 11.98
N PHE B 54 -8.78 -0.16 12.93
CA PHE B 54 -8.37 1.23 12.99
C PHE B 54 -7.71 1.63 11.66
N ALA B 55 -6.72 0.84 11.22
CA ALA B 55 -6.02 1.14 9.96
C ALA B 55 -6.97 1.14 8.77
N ALA B 56 -7.86 0.15 8.69
CA ALA B 56 -8.78 0.09 7.57
C ALA B 56 -9.68 1.32 7.51
N LYS B 57 -10.14 1.80 8.67
CA LYS B 57 -11.05 2.94 8.70
C LYS B 57 -10.32 4.24 8.35
N GLU B 58 -9.09 4.42 8.83
CA GLU B 58 -8.31 5.58 8.42
C GLU B 58 -8.00 5.55 6.94
N ALA B 59 -7.64 4.37 6.40
CA ALA B 59 -7.33 4.26 4.97
C ALA B 59 -8.59 4.54 4.16
N PHE B 60 -9.73 4.04 4.62
CA PHE B 60 -10.99 4.34 3.97
C PHE B 60 -11.22 5.84 3.93
N ALA B 61 -10.99 6.50 5.06
CA ALA B 61 -11.27 7.92 5.16
C ALA B 61 -10.38 8.74 4.25
N LYS B 62 -9.14 8.28 4.02
CA LYS B 62 -8.29 8.92 3.03
C LYS B 62 -8.76 8.64 1.61
N ALA B 63 -9.11 7.39 1.31
CA ALA B 63 -9.52 7.04 -0.05
C ALA B 63 -10.75 7.82 -0.49
N VAL B 64 -11.67 8.17 0.43
CA VAL B 64 -12.85 8.92 0.04
C VAL B 64 -12.62 10.42 0.16
N GLY B 65 -11.41 10.83 0.51
CA GLY B 65 -10.98 12.18 0.31
C GLY B 65 -11.22 13.13 1.44
N THR B 66 -11.78 12.68 2.58
CA THR B 66 -12.23 13.59 3.61
C THR B 66 -11.52 13.44 4.95
N GLY B 67 -10.88 12.33 5.20
CA GLY B 67 -10.48 12.03 6.56
C GLY B 67 -11.70 11.68 7.38
N ILE B 68 -11.46 11.39 8.65
CA ILE B 68 -12.55 11.03 9.57
C ILE B 68 -13.32 12.29 9.90
N ARG B 69 -14.52 12.41 9.35
CA ARG B 69 -15.31 13.63 9.41
C ARG B 69 -16.73 13.32 8.99
N GLY B 70 -17.70 13.91 9.67
CA GLY B 70 -19.09 13.73 9.27
C GLY B 70 -19.46 12.25 9.28
N ALA B 71 -20.14 11.82 8.22
CA ALA B 71 -20.57 10.43 8.13
C ALA B 71 -19.41 9.46 7.89
N VAL B 72 -18.23 9.94 7.51
CA VAL B 72 -17.06 9.08 7.37
C VAL B 72 -16.48 8.95 8.77
N SER B 73 -17.00 7.98 9.54
CA SER B 73 -16.72 7.86 10.96
C SER B 73 -16.38 6.42 11.30
N PHE B 74 -15.64 6.25 12.39
CA PHE B 74 -15.30 4.90 12.85
C PHE B 74 -16.53 4.05 13.00
N ARG B 75 -17.61 4.61 13.58
CA ARG B 75 -18.77 3.80 13.86
C ARG B 75 -19.58 3.43 12.62
N ASN B 76 -19.40 4.16 11.52
CA ASN B 76 -20.09 3.88 10.27
C ASN B 76 -19.30 2.99 9.31
N ILE B 77 -17.98 2.87 9.47
CA ILE B 77 -17.14 2.10 8.56
C ILE B 77 -16.90 0.75 9.22
N GLY B 78 -17.55 -0.32 8.74
CA GLY B 78 -17.37 -1.63 9.29
C GLY B 78 -16.60 -2.54 8.33
N ILE B 79 -15.78 -3.40 8.90
CA ILE B 79 -15.07 -4.40 8.11
C ILE B 79 -15.73 -5.76 8.35
N GLY B 80 -16.04 -6.44 7.26
CA GLY B 80 -16.56 -7.81 7.30
C GLY B 80 -15.72 -8.68 6.39
N HIS B 81 -16.15 -9.90 6.09
CA HIS B 81 -15.34 -10.80 5.28
C HIS B 81 -16.26 -11.66 4.44
N ASP B 82 -15.82 -11.99 3.22
CA ASP B 82 -16.62 -12.89 2.41
C ASP B 82 -16.25 -14.33 2.73
N ALA B 83 -16.89 -15.27 2.02
CA ALA B 83 -16.78 -16.69 2.33
C ALA B 83 -15.36 -17.21 2.22
N LEU B 84 -14.50 -16.55 1.45
CA LEU B 84 -13.12 -16.98 1.30
C LEU B 84 -12.18 -16.27 2.24
N GLY B 85 -12.66 -15.28 3.00
CA GLY B 85 -11.84 -14.55 3.94
C GLY B 85 -11.45 -13.16 3.49
N LYS B 86 -11.93 -12.73 2.33
CA LYS B 86 -11.51 -11.44 1.79
C LYS B 86 -12.18 -10.36 2.63
N PRO B 87 -11.43 -9.35 3.05
CA PRO B 87 -12.06 -8.25 3.80
C PRO B 87 -12.84 -7.35 2.87
N GLU B 88 -13.93 -6.79 3.42
CA GLU B 88 -14.81 -5.92 2.65
C GLU B 88 -15.48 -4.99 3.63
N PHE B 89 -15.95 -3.86 3.12
CA PHE B 89 -16.57 -2.82 3.93
C PHE B 89 -18.09 -2.97 3.95
N PHE B 90 -18.68 -2.64 5.10
CA PHE B 90 -20.11 -2.58 5.30
C PHE B 90 -20.38 -1.28 6.02
N TYR B 91 -21.45 -0.59 5.66
CA TYR B 91 -21.62 0.81 6.06
C TYR B 91 -22.86 1.04 6.89
N GLY B 92 -22.70 1.90 7.89
CA GLY B 92 -23.87 2.51 8.48
C GLY B 92 -24.64 3.29 7.42
N PRO B 93 -25.96 3.43 7.61
CA PRO B 93 -26.78 4.02 6.55
C PRO B 93 -26.42 5.46 6.20
N ALA B 94 -25.94 6.26 7.15
CA ALA B 94 -25.52 7.63 6.83
C ALA B 94 -24.34 7.64 5.86
N LEU B 95 -23.45 6.67 5.99
CA LEU B 95 -22.30 6.58 5.10
C LEU B 95 -22.66 5.96 3.74
N SER B 96 -23.50 4.93 3.67
CA SER B 96 -23.90 4.47 2.34
C SER B 96 -24.63 5.59 1.58
N LYS B 97 -25.38 6.42 2.30
CA LYS B 97 -26.07 7.52 1.65
C LYS B 97 -25.06 8.52 1.11
N TRP B 98 -24.06 8.87 1.93
CA TRP B 98 -23.05 9.82 1.49
C TRP B 98 -22.27 9.29 0.28
N LEU B 99 -21.88 8.01 0.33
CA LEU B 99 -21.12 7.43 -0.77
C LEU B 99 -21.88 7.53 -2.08
N GLU B 100 -23.18 7.22 -2.05
CA GLU B 100 -23.96 7.30 -3.28
C GLU B 100 -24.02 8.73 -3.78
N GLU B 101 -24.12 9.69 -2.84
CA GLU B 101 -24.16 11.09 -3.23
C GLU B 101 -22.85 11.56 -3.85
N GLN B 102 -21.71 11.05 -3.36
CA GLN B 102 -20.43 11.37 -3.97
C GLN B 102 -20.17 10.62 -5.28
N GLY B 103 -21.00 9.66 -5.63
CA GLY B 103 -20.77 8.83 -6.80
C GLY B 103 -19.78 7.71 -6.59
N ILE B 104 -19.41 7.43 -5.34
CA ILE B 104 -18.48 6.34 -5.05
C ILE B 104 -19.24 5.03 -5.16
N SER B 105 -18.84 4.19 -6.11
CA SER B 105 -19.58 2.97 -6.41
C SER B 105 -19.14 1.82 -5.52
N ARG B 106 -17.85 1.67 -5.29
CA ARG B 106 -17.41 0.60 -4.42
C ARG B 106 -16.01 0.89 -3.93
N VAL B 107 -15.73 0.35 -2.75
CA VAL B 107 -14.47 0.60 -2.05
C VAL B 107 -13.88 -0.74 -1.65
N SER B 108 -12.67 -1.02 -2.12
CA SER B 108 -11.98 -2.28 -1.83
C SER B 108 -10.96 -2.09 -0.72
N LEU B 109 -10.59 -3.21 -0.10
CA LEU B 109 -9.75 -3.21 1.09
C LEU B 109 -8.81 -4.40 1.08
N SER B 110 -7.57 -4.17 1.47
CA SER B 110 -6.67 -5.27 1.82
C SER B 110 -5.91 -4.88 3.08
N MET B 111 -5.55 -5.89 3.86
CA MET B 111 -4.85 -5.68 5.12
C MET B 111 -3.73 -6.70 5.27
N SER B 112 -2.71 -6.32 6.03
CA SER B 112 -1.65 -7.24 6.39
C SER B 112 -1.00 -6.77 7.69
N ASP B 113 -0.36 -7.70 8.40
CA ASP B 113 0.38 -7.29 9.58
C ASP B 113 1.66 -8.10 9.68
N GLU B 114 2.64 -7.50 10.35
CA GLU B 114 3.95 -8.12 10.58
C GLU B 114 4.54 -7.50 11.82
N GLU B 115 4.81 -8.33 12.83
CA GLU B 115 5.43 -7.89 14.08
C GLU B 115 4.54 -6.78 14.66
N ASP B 116 5.04 -5.57 14.83
CA ASP B 116 4.31 -4.50 15.48
C ASP B 116 3.51 -3.65 14.51
N THR B 117 3.44 -4.01 13.23
CA THR B 117 2.91 -3.11 12.22
C THR B 117 1.73 -3.73 11.49
N VAL B 118 0.66 -2.96 11.39
CA VAL B 118 -0.53 -3.32 10.64
C VAL B 118 -0.63 -2.37 9.47
N LEU B 119 -1.05 -2.87 8.31
CA LEU B 119 -1.11 -2.07 7.11
C LEU B 119 -2.48 -2.26 6.47
N ALA B 120 -3.10 -1.15 6.06
CA ALA B 120 -4.31 -1.21 5.26
C ALA B 120 -4.13 -0.45 3.97
N PHE B 121 -4.82 -0.93 2.94
CA PHE B 121 -4.75 -0.46 1.56
C PHE B 121 -6.18 -0.39 1.08
N VAL B 122 -6.63 0.79 0.62
CA VAL B 122 -8.01 1.00 0.19
C VAL B 122 -8.03 1.70 -1.17
N VAL B 123 -8.91 1.24 -2.06
CA VAL B 123 -9.15 1.92 -3.33
C VAL B 123 -10.65 2.12 -3.47
N ALA B 124 -11.05 3.37 -3.63
CA ALA B 124 -12.43 3.76 -3.87
C ALA B 124 -12.61 4.02 -5.35
N GLU B 125 -13.63 3.42 -5.95
CA GLU B 125 -13.90 3.58 -7.37
C GLU B 125 -15.11 4.46 -7.58
N LYS B 126 -15.16 5.15 -8.73
CA LYS B 126 -16.33 5.94 -9.13
C LYS B 126 -17.39 5.07 -9.79
N MET C 2 -7.74 2.25 -17.80
CA MET C 2 -7.13 1.20 -17.00
C MET C 2 -6.04 1.82 -16.13
N ILE C 3 -5.33 0.97 -15.40
CA ILE C 3 -4.20 1.38 -14.60
C ILE C 3 -2.94 1.33 -15.44
N TYR C 4 -2.19 2.43 -15.47
CA TYR C 4 -0.88 2.45 -16.12
C TYR C 4 0.17 1.76 -15.26
N GLY C 5 0.13 2.00 -13.96
CA GLY C 5 1.08 1.37 -13.06
C GLY C 5 0.80 1.79 -11.64
N ILE C 6 1.47 1.12 -10.72
CA ILE C 6 1.33 1.42 -9.31
C ILE C 6 2.71 1.52 -8.71
N GLY C 7 2.80 2.27 -7.63
CA GLY C 7 4.08 2.47 -6.98
C GLY C 7 3.88 2.63 -5.49
N THR C 8 4.88 2.21 -4.74
CA THR C 8 4.87 2.33 -3.30
C THR C 8 6.29 2.60 -2.85
N ASP C 9 6.43 3.27 -1.72
CA ASP C 9 7.73 3.54 -1.16
C ASP C 9 7.61 3.69 0.34
N ILE C 10 8.62 3.21 1.06
CA ILE C 10 8.72 3.37 2.50
C ILE C 10 10.04 4.06 2.79
N VAL C 11 10.02 5.04 3.68
CA VAL C 11 11.18 5.88 3.96
C VAL C 11 11.33 5.99 5.47
N SER C 12 12.55 5.80 5.95
CA SER C 12 12.85 5.93 7.35
C SER C 12 13.13 7.39 7.65
N LEU C 13 12.52 7.91 8.72
CA LEU C 13 12.88 9.24 9.19
C LEU C 13 14.37 9.31 9.54
N LYS C 14 14.90 8.24 10.14
CA LYS C 14 16.33 8.22 10.44
C LYS C 14 17.16 8.30 9.17
N ARG C 15 16.68 7.70 8.08
CA ARG C 15 17.41 7.77 6.83
C ARG C 15 17.48 9.19 6.30
N ILE C 16 16.32 9.88 6.28
CA ILE C 16 16.32 11.28 5.84
C ILE C 16 17.28 12.10 6.66
N ILE C 17 17.32 11.86 7.98
CA ILE C 17 18.25 12.58 8.83
C ILE C 17 19.68 12.35 8.35
N ARG C 18 20.02 11.10 8.05
CA ARG C 18 21.36 10.78 7.59
C ARG C 18 21.66 11.46 6.25
N LEU C 19 20.65 11.56 5.38
CA LEU C 19 20.85 12.22 4.10
C LEU C 19 21.05 13.72 4.26
N ASN C 20 20.35 14.33 5.22
CA ASN C 20 20.58 15.74 5.52
C ASN C 20 22.01 15.98 5.96
N LYS C 21 22.55 15.10 6.81
CA LYS C 21 23.90 15.29 7.30
C LYS C 21 24.93 15.15 6.19
N LYS C 22 24.69 14.24 5.24
CA LYS C 22 25.66 14.04 4.17
C LYS C 22 25.68 15.21 3.20
N PHE C 23 24.51 15.72 2.83
CA PHE C 23 24.41 16.80 1.85
C PHE C 23 24.03 18.15 2.46
N GLY C 24 23.90 18.22 3.78
CA GLY C 24 23.49 19.47 4.39
C GLY C 24 22.08 19.86 3.96
N GLN C 25 21.74 21.12 4.23
CA GLN C 25 20.42 21.62 3.83
C GLN C 25 20.24 21.56 2.33
N ALA C 26 21.32 21.42 1.56
CA ALA C 26 21.19 21.26 0.12
C ALA C 26 20.41 20.02 -0.26
N PHE C 27 20.32 19.03 0.63
CA PHE C 27 19.52 17.85 0.33
C PHE C 27 18.07 18.26 0.02
N ALA C 28 17.44 18.98 0.94
CA ALA C 28 16.07 19.45 0.69
C ALA C 28 15.99 20.17 -0.65
N GLY C 29 16.99 21.00 -0.96
CA GLY C 29 16.99 21.70 -2.24
C GLY C 29 17.03 20.78 -3.43
N ARG C 30 17.46 19.53 -3.25
CA ARG C 30 17.52 18.58 -4.34
C ARG C 30 16.29 17.68 -4.45
N ILE C 31 15.51 17.55 -3.37
CA ILE C 31 14.34 16.67 -3.40
C ILE C 31 13.10 17.52 -3.66
N LEU C 32 13.09 18.74 -3.15
CA LEU C 32 11.88 19.56 -3.18
C LEU C 32 11.82 20.41 -4.43
N THR C 33 10.60 20.67 -4.88
CA THR C 33 10.35 21.60 -5.96
C THR C 33 10.50 23.02 -5.46
N PRO C 34 10.57 23.99 -6.37
CA PRO C 34 10.61 25.40 -5.93
C PRO C 34 9.42 25.77 -5.06
N GLU C 35 8.21 25.38 -5.46
CA GLU C 35 7.04 25.75 -4.67
C GLU C 35 7.07 25.09 -3.30
N GLU C 36 7.45 23.81 -3.22
CA GLU C 36 7.60 23.17 -1.93
C GLU C 36 8.62 23.90 -1.06
N LEU C 37 9.71 24.38 -1.68
CA LEU C 37 10.75 25.08 -0.94
C LEU C 37 10.27 26.40 -0.36
N LEU C 38 9.15 26.93 -0.84
CA LEU C 38 8.63 28.19 -0.30
C LEU C 38 8.17 28.01 1.13
N GLU C 39 7.42 26.95 1.40
CA GLU C 39 6.91 26.69 2.74
C GLU C 39 7.83 25.82 3.58
N PHE C 40 8.83 25.17 2.97
CA PHE C 40 9.70 24.28 3.73
C PHE C 40 10.39 24.95 4.92
N PRO C 41 10.88 26.18 4.82
CA PRO C 41 11.53 26.80 5.99
C PRO C 41 10.63 26.97 7.20
N GLN C 42 9.31 26.99 7.02
CA GLN C 42 8.37 27.12 8.14
C GLN C 42 7.79 25.79 8.57
N ALA C 43 8.19 24.69 7.95
CA ALA C 43 7.60 23.41 8.28
C ALA C 43 7.86 23.05 9.73
N GLY C 44 6.78 22.70 10.44
CA GLY C 44 6.90 22.37 11.86
C GLY C 44 7.68 21.09 12.12
N LYS C 45 7.56 20.10 11.23
CA LYS C 45 8.26 18.82 11.37
C LYS C 45 9.03 18.58 10.09
N PRO C 46 10.19 19.20 9.94
CA PRO C 46 10.85 19.24 8.62
C PRO C 46 11.37 17.89 8.16
N VAL C 47 11.77 17.01 9.07
CA VAL C 47 12.20 15.68 8.66
C VAL C 47 11.02 14.89 8.12
N ASN C 48 9.88 14.96 8.81
CA ASN C 48 8.68 14.32 8.32
C ASN C 48 8.24 14.93 6.98
N TYR C 49 8.32 16.26 6.86
CA TYR C 49 7.98 16.93 5.61
C TYR C 49 8.80 16.38 4.44
N LEU C 50 10.12 16.29 4.65
CA LEU C 50 11.02 15.81 3.61
C LEU C 50 10.76 14.33 3.31
N ALA C 51 10.59 13.53 4.36
CA ALA C 51 10.35 12.10 4.18
C ALA C 51 9.11 11.86 3.36
N LYS C 52 8.03 12.59 3.66
CA LYS C 52 6.80 12.42 2.91
C LYS C 52 7.00 12.74 1.44
N ARG C 53 7.66 13.87 1.15
CA ARG C 53 7.88 14.24 -0.25
C ARG C 53 8.78 13.23 -0.94
N PHE C 54 9.84 12.79 -0.26
CA PHE C 54 10.74 11.82 -0.85
C PHE C 54 10.01 10.53 -1.16
N ALA C 55 9.25 10.02 -0.19
CA ALA C 55 8.52 8.77 -0.41
C ALA C 55 7.52 8.94 -1.54
N ALA C 56 6.77 10.05 -1.53
CA ALA C 56 5.78 10.27 -2.58
C ALA C 56 6.44 10.32 -3.94
N LYS C 57 7.58 11.01 -4.06
CA LYS C 57 8.21 11.12 -5.37
C LYS C 57 8.78 9.78 -5.83
N GLU C 58 9.38 9.00 -4.93
CA GLU C 58 9.85 7.66 -5.31
C GLU C 58 8.69 6.79 -5.76
N ALA C 59 7.58 6.83 -5.01
CA ALA C 59 6.41 6.03 -5.39
C ALA C 59 5.87 6.47 -6.74
N PHE C 60 5.83 7.79 -6.97
CA PHE C 60 5.42 8.28 -8.27
C PHE C 60 6.29 7.69 -9.37
N ALA C 61 7.60 7.67 -9.14
CA ALA C 61 8.55 7.21 -10.15
C ALA C 61 8.36 5.73 -10.45
N LYS C 62 8.05 4.93 -9.42
CA LYS C 62 7.74 3.52 -9.64
C LYS C 62 6.39 3.36 -10.35
N ALA C 63 5.40 4.18 -10.01
CA ALA C 63 4.07 4.04 -10.59
C ALA C 63 4.04 4.38 -12.08
N VAL C 64 5.00 5.16 -12.57
CA VAL C 64 5.10 5.46 -14.00
C VAL C 64 6.13 4.57 -14.68
N GLY C 65 6.69 3.60 -13.97
CA GLY C 65 7.48 2.54 -14.59
C GLY C 65 8.90 2.87 -14.95
N THR C 66 9.42 4.03 -14.53
CA THR C 66 10.75 4.47 -14.96
C THR C 66 11.75 4.66 -13.84
N GLY C 67 11.30 4.87 -12.60
CA GLY C 67 12.20 5.28 -11.54
C GLY C 67 12.59 6.74 -11.75
N ILE C 68 13.44 7.23 -10.85
CA ILE C 68 13.93 8.59 -10.97
C ILE C 68 14.84 8.63 -12.19
N ARG C 69 14.34 9.22 -13.28
CA ARG C 69 15.07 9.24 -14.54
C ARG C 69 14.43 10.28 -15.44
N GLY C 70 15.26 11.01 -16.18
CA GLY C 70 14.75 11.96 -17.16
C GLY C 70 13.82 12.98 -16.52
N ALA C 71 12.68 13.21 -17.17
CA ALA C 71 11.71 14.18 -16.66
C ALA C 71 11.05 13.72 -15.36
N VAL C 72 11.17 12.44 -15.02
CA VAL C 72 10.67 11.93 -13.75
C VAL C 72 11.75 12.18 -12.70
N SER C 73 11.78 13.40 -12.17
CA SER C 73 12.81 13.82 -11.24
C SER C 73 12.17 14.50 -10.04
N PHE C 74 12.90 14.49 -8.92
CA PHE C 74 12.38 15.05 -7.69
C PHE C 74 11.90 16.49 -7.86
N ARG C 75 12.62 17.27 -8.67
CA ARG C 75 12.28 18.69 -8.81
C ARG C 75 11.06 18.92 -9.69
N ASN C 76 10.66 17.92 -10.48
CA ASN C 76 9.46 18.01 -11.30
C ASN C 76 8.21 17.45 -10.64
N ILE C 77 8.36 16.65 -9.60
CA ILE C 77 7.23 15.99 -8.96
C ILE C 77 6.89 16.79 -7.71
N GLY C 78 5.75 17.46 -7.72
CA GLY C 78 5.33 18.31 -6.61
C GLY C 78 4.10 17.73 -5.93
N ILE C 79 4.06 17.84 -4.60
CA ILE C 79 2.94 17.42 -3.79
C ILE C 79 2.25 18.66 -3.26
N GLY C 80 0.94 18.74 -3.46
CA GLY C 80 0.11 19.74 -2.84
C GLY C 80 -1.04 19.08 -2.12
N HIS C 81 -1.98 19.85 -1.59
CA HIS C 81 -3.15 19.28 -0.95
C HIS C 81 -4.39 20.02 -1.41
N ASP C 82 -5.49 19.28 -1.61
CA ASP C 82 -6.74 19.95 -1.94
C ASP C 82 -7.36 20.54 -0.68
N ALA C 83 -8.53 21.16 -0.85
CA ALA C 83 -9.22 21.84 0.25
C ALA C 83 -9.39 20.98 1.50
N LEU C 84 -9.62 19.69 1.34
CA LEU C 84 -9.90 18.87 2.50
C LEU C 84 -8.66 18.23 3.09
N GLY C 85 -7.49 18.47 2.50
CA GLY C 85 -6.23 17.92 2.97
C GLY C 85 -5.77 16.68 2.24
N LYS C 86 -6.47 16.28 1.19
CA LYS C 86 -6.02 15.16 0.40
C LYS C 86 -4.74 15.56 -0.35
N PRO C 87 -3.67 14.77 -0.28
CA PRO C 87 -2.47 15.08 -1.07
C PRO C 87 -2.75 14.84 -2.53
N GLU C 88 -2.09 15.63 -3.38
CA GLU C 88 -2.22 15.46 -4.82
C GLU C 88 -0.97 15.99 -5.49
N PHE C 89 -0.70 15.47 -6.69
CA PHE C 89 0.51 15.80 -7.44
C PHE C 89 0.32 17.00 -8.35
N PHE C 90 1.38 17.80 -8.48
CA PHE C 90 1.52 18.87 -9.45
C PHE C 90 2.90 18.76 -10.09
N TYR C 91 2.97 18.99 -11.39
CA TYR C 91 4.14 18.62 -12.19
C TYR C 91 4.80 19.82 -12.83
N GLY C 92 6.12 19.77 -12.90
CA GLY C 92 6.86 20.70 -13.71
C GLY C 92 6.55 20.46 -15.17
N PRO C 93 6.87 21.45 -16.02
CA PRO C 93 6.47 21.34 -17.42
C PRO C 93 7.07 20.14 -18.14
N ALA C 94 8.32 19.78 -17.86
CA ALA C 94 8.94 18.64 -18.53
C ALA C 94 8.25 17.33 -18.14
N LEU C 95 7.82 17.22 -16.88
CA LEU C 95 7.17 15.99 -16.43
C LEU C 95 5.72 15.92 -16.91
N SER C 96 5.01 17.03 -16.83
CA SER C 96 3.63 17.06 -17.32
C SER C 96 3.57 16.66 -18.78
N LYS C 97 4.54 17.09 -19.58
CA LYS C 97 4.59 16.70 -20.97
C LYS C 97 4.87 15.21 -21.12
N TRP C 98 5.86 14.71 -20.35
CA TRP C 98 6.23 13.31 -20.43
C TRP C 98 5.06 12.41 -20.05
N LEU C 99 4.38 12.75 -18.96
CA LEU C 99 3.22 11.97 -18.54
C LEU C 99 2.19 11.91 -19.66
N GLU C 100 1.87 13.05 -20.27
CA GLU C 100 0.87 13.04 -21.31
C GLU C 100 1.33 12.27 -22.55
N GLU C 101 2.63 12.28 -22.83
CA GLU C 101 3.17 11.50 -23.94
C GLU C 101 2.90 10.01 -23.71
N GLN C 102 2.97 9.56 -22.47
CA GLN C 102 2.74 8.17 -22.14
C GLN C 102 1.26 7.83 -22.05
N GLY C 103 0.37 8.80 -22.19
CA GLY C 103 -1.06 8.57 -22.05
C GLY C 103 -1.55 8.58 -20.62
N ILE C 104 -0.68 8.81 -19.65
CA ILE C 104 -1.06 8.82 -18.25
C ILE C 104 -1.98 10.00 -18.00
N SER C 105 -3.23 9.72 -17.58
CA SER C 105 -4.22 10.77 -17.41
C SER C 105 -4.25 11.33 -15.99
N ARG C 106 -4.19 10.47 -14.98
CA ARG C 106 -4.33 10.89 -13.60
C ARG C 106 -3.45 10.02 -12.72
N VAL C 107 -2.76 10.65 -11.76
CA VAL C 107 -1.97 9.93 -10.78
C VAL C 107 -2.49 10.29 -9.40
N SER C 108 -2.88 9.27 -8.63
CA SER C 108 -3.43 9.45 -7.29
C SER C 108 -2.37 9.10 -6.25
N LEU C 109 -2.48 9.73 -5.06
CA LEU C 109 -1.48 9.58 -4.02
C LEU C 109 -2.14 9.37 -2.67
N SER C 110 -1.57 8.47 -1.86
CA SER C 110 -1.89 8.41 -0.43
C SER C 110 -0.59 8.25 0.36
N MET C 111 -0.57 8.89 1.52
CA MET C 111 0.58 8.85 2.42
C MET C 111 0.11 8.48 3.82
N SER C 112 1.00 7.81 4.55
CA SER C 112 0.79 7.53 5.96
C SER C 112 2.16 7.53 6.63
N ASP C 113 2.15 7.78 7.94
CA ASP C 113 3.40 7.70 8.67
C ASP C 113 3.11 7.15 10.07
N GLU C 114 4.06 6.40 10.60
CA GLU C 114 3.98 5.86 11.95
C GLU C 114 5.39 5.66 12.46
N GLU C 115 5.72 6.27 13.59
CA GLU C 115 7.05 6.16 14.20
C GLU C 115 8.07 6.55 13.13
N ASP C 116 9.03 5.71 12.81
CA ASP C 116 10.11 6.06 11.89
C ASP C 116 9.74 5.89 10.43
N THR C 117 8.60 5.28 10.14
CA THR C 117 8.27 4.86 8.77
C THR C 117 7.28 5.84 8.14
N VAL C 118 7.62 6.33 6.95
CA VAL C 118 6.72 7.06 6.08
C VAL C 118 6.41 6.17 4.89
N LEU C 119 5.13 6.07 4.55
CA LEU C 119 4.67 5.19 3.49
C LEU C 119 3.92 6.00 2.45
N ALA C 120 4.25 5.81 1.18
CA ALA C 120 3.51 6.40 0.08
C ALA C 120 3.02 5.31 -0.85
N PHE C 121 1.81 5.48 -1.39
CA PHE C 121 1.29 4.61 -2.43
C PHE C 121 0.69 5.47 -3.52
N VAL C 122 0.90 5.05 -4.77
CA VAL C 122 0.55 5.85 -5.94
C VAL C 122 -0.07 4.93 -6.99
N VAL C 123 -1.11 5.42 -7.64
CA VAL C 123 -1.70 4.74 -8.79
C VAL C 123 -1.75 5.73 -9.94
N ALA C 124 -1.15 5.36 -11.07
CA ALA C 124 -1.23 6.13 -12.30
C ALA C 124 -2.25 5.48 -13.22
N GLU C 125 -3.16 6.28 -13.77
CA GLU C 125 -4.22 5.80 -14.63
C GLU C 125 -3.99 6.30 -16.05
N LYS C 126 -4.34 5.48 -17.03
CA LYS C 126 -4.18 5.87 -18.43
C LYS C 126 -5.52 5.88 -19.15
N1A COA D . -8.73 -12.66 -0.14
C2A COA D . -8.15 -11.51 0.23
N3A COA D . -7.64 -11.22 1.42
C4A COA D . -7.74 -12.22 2.35
C5A COA D . -8.32 -13.51 2.13
C6A COA D . -8.81 -13.64 0.81
N6A COA D . -9.39 -14.73 0.46
N7A COA D . -8.29 -14.26 3.21
C8A COA D . -7.70 -13.48 4.07
N9A COA D . -7.34 -12.26 3.60
C1B COA D . -6.70 -11.12 4.31
C2B COA D . -7.59 -10.74 5.59
O2B COA D . -7.83 -9.39 5.66
C3B COA D . -6.58 -11.21 6.70
O3B COA D . -6.63 -10.50 7.80
P3B COA D . -8.14 -10.50 8.73
O7A COA D . -8.58 -11.80 8.67
O8A COA D . -8.99 -9.53 7.96
O9A COA D . -7.63 -10.06 10.00
C4B COA D . -5.27 -10.90 5.98
O4B COA D . -5.43 -11.43 4.72
C5B COA D . -4.01 -11.47 6.64
O5B COA D . -2.92 -11.00 5.94
P1A COA D . -1.52 -11.25 6.67
O1A COA D . -1.51 -10.67 7.94
O2A COA D . -0.48 -10.97 5.61
O3A COA D . -1.72 -12.86 7.02
P2A COA D . -0.88 -14.00 6.32
O4A COA D . -1.29 -15.16 6.98
O5A COA D . 0.55 -13.57 6.15
O6A COA D . -1.42 -14.17 4.71
CBP COA D . -2.99 -15.31 3.36
CCP COA D . -2.70 -14.49 4.65
CDP COA D . -4.29 -14.82 2.79
CEP COA D . -1.94 -15.22 2.27
CAP COA D . -3.13 -16.72 3.79
OAP COA D . -4.23 -16.84 4.62
C9P COA D . -3.31 -17.68 2.65
O9P COA D . -4.31 -17.69 2.04
N8P COA D . -2.31 -18.58 2.37
C7P COA D . -1.08 -18.64 3.10
C6P COA D . -0.79 -20.11 3.42
C5P COA D . 0.67 -20.31 3.32
O5P COA D . 1.18 -20.88 2.40
N4P COA D . 1.46 -19.82 4.35
C3P COA D . 2.92 -19.94 4.26
C2P COA D . 3.37 -21.38 4.19
S1P COA D . 5.11 -21.36 3.85
H2A COA D . -8.09 -10.87 -0.41
H61A COA D . -9.09 -15.45 0.73
H62A COA D . -10.08 -14.70 -0.02
H8A COA D . -7.52 -13.72 4.93
H1B COA D . -6.68 -10.41 3.69
H2B COA D . -8.37 -11.26 5.63
HO2A COA D . -8.57 -9.29 5.35
H3B COA D . -6.67 -12.16 6.81
H4B COA D . -5.16 -9.96 5.91
H51A COA D . -3.96 -11.24 7.56
H52A COA D . -4.04 -12.43 6.60
H121 COA D . -3.01 -14.96 5.45
H122 COA D . -3.22 -13.69 4.65
H131 COA D . -5.04 -15.05 3.35
H132 COA D . -4.47 -15.23 1.94
H133 COA D . -4.28 -13.87 2.67
H141 COA D . -1.07 -15.43 2.63
H142 COA D . -2.15 -15.84 1.58
H143 COA D . -1.90 -14.34 1.92
H10 COA D . -2.36 -16.95 4.30
HO1 COA D . -4.94 -16.71 4.17
HN8 COA D . -2.43 -19.14 1.73
H71 COA D . -1.18 -18.15 3.91
H72 COA D . -0.36 -18.23 2.61
H61 COA D . -1.10 -20.32 4.32
H62 COA D . -1.26 -20.69 2.80
HN4 COA D . 1.12 -19.40 5.00
H31 COA D . 3.31 -19.51 5.01
H32 COA D . 3.24 -19.47 3.49
H21 COA D . 2.91 -21.86 3.51
H22 COA D . 3.21 -21.82 5.05
HS1 COA D . 5.46 -22.19 4.64
N1A COA E . -8.00 12.71 2.24
C2A COA E . -6.97 11.91 1.95
N3A COA E . -5.78 11.87 2.57
C4A COA E . -5.62 12.81 3.58
C5A COA E . -6.62 13.77 4.00
C6A COA E . -7.83 13.65 3.27
N6A COA E . -8.84 14.46 3.50
N7A COA E . -6.15 14.53 4.99
C8A COA E . -4.94 14.09 5.17
N9A COA E . -4.58 13.06 4.37
C1B COA E . -3.24 12.34 4.32
C2B COA E . -2.03 13.37 4.12
O2B COA E . -1.21 12.94 3.20
C3B COA E . -1.32 13.25 5.48
O3B COA E . 0.01 13.30 5.31
P3B COA E . 0.62 14.92 4.65
O7A COA E . 1.95 14.99 5.28
O8A COA E . 0.55 14.69 3.20
O9A COA E . -0.37 15.82 5.21
C4B COA E . -1.74 11.80 5.84
O4B COA E . -3.06 11.70 5.52
C5B COA E . -1.56 11.48 7.31
O5B COA E . -1.51 10.09 7.45
P1A COA E . -1.31 9.62 8.93
O1A COA E . 0.13 9.87 9.29
O2A COA E . -1.82 8.25 8.88
O3A COA E . -2.18 10.76 9.84
P2A COA E . -3.33 10.33 10.81
O4A COA E . -3.07 11.16 12.04
O5A COA E . -3.57 8.85 10.94
O6A COA E . -4.70 11.13 10.11
CBP COA E . -6.87 10.68 9.20
CCP COA E . -5.61 10.21 9.89
CDP COA E . -6.48 11.24 7.83
CEP COA E . -7.72 9.38 9.07
CAP COA E . -7.67 11.80 9.90
OAP COA E . -8.84 11.88 9.27
C9P COA E . -8.00 11.73 11.43
O9P COA E . -8.99 12.23 11.85
N8P COA E . -7.11 11.18 12.33
C7P COA E . -7.43 11.12 13.75
C6P COA E . -8.14 9.77 13.97
C5P COA E . -8.66 9.69 15.39
O5P COA E . -9.71 10.23 15.70
N4P COA E . -7.95 8.91 16.33
C3P COA E . -8.46 8.81 17.72
C2P COA E . -9.29 7.50 17.99
S1P COA E . -10.80 7.84 18.99
H2A COA E . -7.11 11.31 1.30
H61A COA E . -9.61 14.15 3.44
H62A COA E . -8.69 15.26 3.69
H8A COA E . -4.38 14.43 5.81
H1B COA E . -3.30 11.72 3.60
H2B COA E . -2.33 14.27 3.99
HO2A COA E . -1.66 12.83 2.52
H3B COA E . -1.71 13.87 6.09
H4B COA E . -1.24 11.19 5.32
H51A COA E . -2.27 11.85 7.85
H52A COA E . -0.75 11.87 7.63
H121 COA E . -5.85 9.82 10.72
H122 COA E . -5.24 9.48 9.41
H131 COA E . -5.60 11.65 7.85
H132 COA E . -6.42 10.55 7.18
H133 COA E . -7.11 11.90 7.54
H141 COA E . -7.57 8.75 9.79
H142 COA E . -7.55 8.95 8.24
H143 COA E . -8.64 9.60 9.12
H10 COA E . -7.21 12.63 9.72
HO1 COA E . -9.29 11.21 9.44
HN8 COA E . -6.41 10.84 12.08
H71 COA E . -8.02 11.85 13.96
H72 COA E . -6.65 11.21 14.31
H61 COA E . -7.53 9.05 13.80
H62 COA E . -8.87 9.68 13.34
HN4 COA E . -7.22 8.53 16.12
H31 COA E . -7.70 8.85 18.31
H32 COA E . -8.98 9.59 17.91
H21 COA E . -9.53 7.11 17.17
H22 COA E . -8.75 6.88 18.47
HS1 COA E . -10.32 7.87 20.07
N1A COA F . 9.48 0.98 -12.16
C2A COA F . 8.79 0.49 -11.12
N3A COA F . 9.27 -0.14 -10.10
C4A COA F . 10.67 -0.30 -10.09
C5A COA F . 11.54 0.15 -11.13
C6A COA F . 10.86 0.80 -12.15
N6A COA F . 11.55 1.27 -13.16
N7A COA F . 12.76 -0.11 -10.90
C8A COA F . 12.71 -0.74 -9.75
N9A COA F . 11.49 -0.87 -9.22
C1B COA F . 11.14 -1.52 -8.02
C2B COA F . 11.66 -3.04 -8.01
O2B COA F . 10.70 -3.96 -7.62
C3B COA F . 12.72 -2.92 -6.93
O3B COA F . 12.88 -4.02 -6.19
P3B COA F . 13.25 -5.49 -7.13
O7A COA F . 13.88 -6.13 -6.06
O8A COA F . 11.92 -5.97 -7.50
O9A COA F . 14.05 -4.89 -8.21
C4B COA F . 12.06 -1.81 -6.09
O4B COA F . 11.74 -0.85 -7.02
C5B COA F . 12.96 -1.25 -5.05
O5B COA F . 12.15 -0.38 -4.24
P1A COA F . 12.98 0.68 -3.42
O1A COA F . 13.98 0.03 -2.53
O2A COA F . 12.05 1.76 -2.99
O3A COA F . 13.98 1.26 -4.57
P2A COA F . 14.97 2.34 -4.12
O4A COA F . 14.39 3.33 -3.29
O5A COA F . 16.35 1.82 -3.81
O6A COA F . 15.17 3.12 -5.57
CBP COA F . 14.00 4.06 -7.36
CCP COA F . 13.96 3.64 -5.94
CDP COA F . 13.84 2.87 -8.15
CEP COA F . 12.85 4.98 -7.67
CAP COA F . 15.33 4.79 -7.75
OAP COA F . 15.29 5.24 -9.06
C9P COA F . 15.65 6.04 -6.92
O9P COA F . 15.09 7.09 -7.20
N8P COA F . 16.63 5.96 -5.88
C7P COA F . 16.99 7.14 -5.02
C6P COA F . 16.89 8.46 -5.74
C5P COA F . 18.02 9.39 -5.33
O5P COA F . 18.61 10.03 -6.13
N4P COA F . 18.34 9.53 -3.98
C3P COA F . 19.43 10.42 -3.59
C2P COA F . 18.95 11.82 -3.31
S1P COA F . 19.38 12.98 -4.68
H2A COA F . 7.89 0.61 -11.16
H61A COA F . 11.13 1.57 -13.84
H62A COA F . 12.39 1.27 -13.13
H8A COA F . 13.46 -1.07 -9.33
H1B COA F . 10.19 -1.47 -7.94
H2B COA F . 12.07 -3.27 -8.83
HO2A COA F . 9.98 -3.67 -7.91
H3B COA F . 13.50 -2.56 -7.32
H4B COA F . 11.26 -2.13 -5.67
H51A COA F . 13.37 -1.93 -4.53
H52A COA F . 13.67 -0.80 -5.49
H121 COA F . 13.23 3.02 -5.80
H122 COA F . 13.73 4.37 -5.38
H131 COA F . 14.36 2.14 -7.82
H132 COA F . 14.13 3.00 -9.05
H133 COA F . 12.92 2.59 -8.17
H141 COA F . 13.07 5.89 -7.48
H142 COA F . 12.61 4.92 -8.61
H143 COA F . 12.10 4.75 -7.14
H10 COA F . 16.05 4.16 -7.69
HO1 COA F . 14.65 5.77 -9.12
HN8 COA F . 17.00 5.21 -5.71
H71 COA F . 16.39 7.13 -4.27
H72 COA F . 17.86 7.04 -4.63
H61 COA F . 16.03 8.86 -5.57
H62 COA F . 16.94 8.32 -6.69
HN4 COA F . 17.94 9.08 -3.39
H31 COA F . 19.85 10.05 -2.82
H32 COA F . 20.10 10.42 -4.28
H21 COA F . 18.00 11.81 -3.20
H22 COA F . 19.35 12.14 -2.50
HS1 COA F . 18.34 13.51 -4.83
#